data_1IHU
#
_entry.id   1IHU
#
_cell.length_a   73.897
_cell.length_b   75.945
_cell.length_c   222.607
_cell.angle_alpha   90.00
_cell.angle_beta   90.00
_cell.angle_gamma   90.00
#
_symmetry.space_group_name_H-M   'I 2 2 2'
#
loop_
_entity.id
_entity.type
_entity.pdbx_description
1 polymer 'ARSENICAL PUMP-DRIVING ATPASE'
2 non-polymer 'MAGNESIUM ION'
3 non-polymer 'CADMIUM ION'
4 non-polymer 'CHLORIDE ION'
5 non-polymer "ADENOSINE-5'-DIPHOSPHATE"
6 non-polymer 'ALUMINUM FLUORIDE'
7 non-polymer TRIHYDROXYARSENITE(III)
8 water water
#
_entity_poly.entity_id   1
_entity_poly.type   'polypeptide(L)'
_entity_poly.pdbx_seq_one_letter_code
;MQFLQNIPPYLFFTGKGGVGKTSISCATAIRLAEQGKRVLLVSTDPASNVGQVFSQTIGNTIQAIASVPGLSALEIDPQA
AAQQYRARIVDPIKGVLPDDVVSSINEQLSGACTTEIAAFDEFTGLLTDASLLTRFDHIIFDTAPTGHTIRLLQLPGAWS
SFIDSNPEGASCLGPMAGLEKQREQYAYAVEALSDPKRTRLVLVARLQKSTLQEVARTHLELAAIGLKNQYLVINGVLPK
TEAANDTLAAAIWEREQEALANLPADLAGLPTDTLFLQPVNMVGVSALSRLLSTQPVASPSSDEYLQQRPDIPSLSALVD
DIARNEHGLIMLMGKGGVGKTTMAAAIAVRLADMGFDVHLTTSDPAAHLSMTLNGSLNNLQVSRIDPHEETERYRQHVLE
TKGKELDEAGKRLLEEDLRSPCTEEIAVFQAFSRVIREAGKRFVVMDTAPTGHTLLLLDATGAYHREIAKKMGEKGHFTT
PMMLLQDPERTKVLLVTLPETTPVLEAANLQADLERAGIHPWGWIINNSLSIADTRSPLLRMRAQQELPQIESVKRQHAS
RVALVPVLASEPTGIDKLKQLAGHHHHHH
;
_entity_poly.pdbx_strand_id   A
#
loop_
_chem_comp.id
_chem_comp.type
_chem_comp.name
_chem_comp.formula
ADP non-polymer ADENOSINE-5'-DIPHOSPHATE 'C10 H15 N5 O10 P2'
AF3 non-polymer 'ALUMINUM FLUORIDE' 'Al F3'
CD non-polymer 'CADMIUM ION' 'Cd 2'
CL non-polymer 'CHLORIDE ION' 'Cl -1'
MG non-polymer 'MAGNESIUM ION' 'Mg 2'
TAS non-polymer TRIHYDROXYARSENITE(III) 'As H3 O3'
#
# COMPACT_ATOMS: atom_id res chain seq x y z
N MET A 1 -8.55 9.05 24.25
CA MET A 1 -8.60 9.20 22.76
C MET A 1 -10.06 9.36 22.32
N GLN A 2 -10.32 10.31 21.43
CA GLN A 2 -11.67 10.52 20.95
C GLN A 2 -12.17 9.31 20.19
N PHE A 3 -11.30 8.63 19.44
CA PHE A 3 -11.73 7.48 18.65
C PHE A 3 -12.13 6.28 19.49
N LEU A 4 -11.68 6.29 20.73
CA LEU A 4 -11.97 5.23 21.70
C LEU A 4 -13.30 5.43 22.44
N GLN A 5 -13.94 6.57 22.21
CA GLN A 5 -15.19 6.86 22.91
C GLN A 5 -16.49 6.37 22.28
N ASN A 6 -17.30 5.72 23.11
CA ASN A 6 -18.62 5.24 22.75
C ASN A 6 -18.63 4.72 21.31
N ILE A 7 -17.81 3.69 21.09
CA ILE A 7 -17.63 3.02 19.81
C ILE A 7 -18.80 2.11 19.40
N PRO A 8 -19.24 2.17 18.13
CA PRO A 8 -20.35 1.28 17.75
C PRO A 8 -19.82 -0.17 17.68
N PRO A 9 -20.68 -1.13 17.36
CA PRO A 9 -20.19 -2.52 17.30
C PRO A 9 -19.09 -2.83 16.27
N TYR A 10 -19.07 -2.14 15.12
CA TYR A 10 -18.03 -2.41 14.11
C TYR A 10 -17.02 -1.28 14.04
N LEU A 11 -15.74 -1.63 14.16
CA LEU A 11 -14.66 -0.65 14.11
C LEU A 11 -13.65 -1.08 13.04
N PHE A 12 -13.42 -0.18 12.07
CA PHE A 12 -12.52 -0.43 10.93
C PHE A 12 -11.36 0.58 10.90
N PHE A 13 -10.14 0.08 10.66
CA PHE A 13 -8.95 0.93 10.54
C PHE A 13 -8.44 0.82 9.10
N THR A 14 -8.24 1.96 8.46
CA THR A 14 -7.74 2.00 7.11
C THR A 14 -6.47 2.86 7.06
N GLY A 15 -5.70 2.73 5.98
CA GLY A 15 -4.45 3.47 5.89
C GLY A 15 -3.39 2.64 5.15
N LYS A 16 -2.29 3.26 4.75
CA LYS A 16 -1.25 2.58 4.00
C LYS A 16 -0.48 1.51 4.78
N GLY A 17 0.16 0.60 4.04
CA GLY A 17 0.91 -0.48 4.64
C GLY A 17 1.90 0.09 5.65
N GLY A 18 1.89 -0.45 6.86
CA GLY A 18 2.81 0.04 7.87
C GLY A 18 2.46 1.30 8.64
N VAL A 19 1.30 1.92 8.43
CA VAL A 19 1.00 3.13 9.23
C VAL A 19 0.72 2.80 10.70
N GLY A 20 0.37 1.55 10.99
CA GLY A 20 0.07 1.14 12.35
C GLY A 20 -1.33 0.60 12.59
N LYS A 21 -2.04 0.25 11.53
CA LYS A 21 -3.42 -0.25 11.69
C LYS A 21 -3.58 -1.41 12.68
N THR A 22 -2.82 -2.47 12.45
CA THR A 22 -2.86 -3.66 13.28
C THR A 22 -2.46 -3.37 14.72
N SER A 23 -1.38 -2.61 14.90
CA SER A 23 -0.89 -2.24 16.23
C SER A 23 -2.00 -1.51 16.99
N ILE A 24 -2.55 -0.46 16.38
CA ILE A 24 -3.63 0.31 16.98
C ILE A 24 -4.87 -0.56 17.22
N SER A 25 -5.14 -1.52 16.34
CA SER A 25 -6.31 -2.41 16.52
C SER A 25 -6.15 -3.30 17.75
N CYS A 26 -4.95 -3.84 17.93
CA CYS A 26 -4.67 -4.73 19.06
C CYS A 26 -4.76 -3.98 20.37
N ALA A 27 -4.22 -2.77 20.39
CA ALA A 27 -4.23 -1.93 21.56
C ALA A 27 -5.67 -1.51 21.89
N THR A 28 -6.47 -1.25 20.85
CA THR A 28 -7.86 -0.88 21.06
C THR A 28 -8.63 -2.06 21.64
N ALA A 29 -8.41 -3.25 21.11
CA ALA A 29 -9.10 -4.46 21.58
C ALA A 29 -8.81 -4.71 23.07
N ILE A 30 -7.52 -4.68 23.43
CA ILE A 30 -7.10 -4.89 24.81
C ILE A 30 -7.83 -3.90 25.71
N ARG A 31 -7.70 -2.61 25.38
CA ARG A 31 -8.33 -1.54 26.14
C ARG A 31 -9.82 -1.77 26.35
N LEU A 32 -10.51 -2.25 25.32
CA LEU A 32 -11.95 -2.48 25.44
C LEU A 32 -12.23 -3.74 26.24
N ALA A 33 -11.42 -4.77 26.06
CA ALA A 33 -11.61 -6.00 26.79
C ALA A 33 -11.41 -5.71 28.28
N GLU A 34 -10.53 -4.75 28.58
CA GLU A 34 -10.26 -4.39 29.95
C GLU A 34 -11.37 -3.55 30.56
N GLN A 35 -12.23 -2.96 29.73
CA GLN A 35 -13.33 -2.17 30.27
C GLN A 35 -14.53 -3.11 30.44
N GLY A 36 -14.26 -4.40 30.38
CA GLY A 36 -15.31 -5.38 30.53
C GLY A 36 -16.06 -5.74 29.24
N LYS A 37 -15.58 -5.31 28.09
CA LYS A 37 -16.26 -5.61 26.82
C LYS A 37 -15.84 -6.95 26.23
N ARG A 38 -16.74 -7.54 25.48
CA ARG A 38 -16.48 -8.80 24.80
C ARG A 38 -16.00 -8.32 23.42
N VAL A 39 -14.75 -8.63 23.08
CA VAL A 39 -14.18 -8.17 21.82
C VAL A 39 -13.71 -9.25 20.85
N LEU A 40 -14.01 -9.04 19.58
CA LEU A 40 -13.56 -9.96 18.52
C LEU A 40 -12.59 -9.12 17.67
N LEU A 41 -11.36 -9.57 17.56
CA LEU A 41 -10.36 -8.86 16.77
C LEU A 41 -10.20 -9.65 15.49
N VAL A 42 -10.49 -8.99 14.38
CA VAL A 42 -10.40 -9.62 13.07
C VAL A 42 -9.12 -9.20 12.33
N SER A 43 -8.19 -10.14 12.26
CA SER A 43 -6.91 -9.96 11.58
C SER A 43 -7.17 -10.22 10.09
N THR A 44 -6.82 -9.25 9.26
CA THR A 44 -7.10 -9.38 7.83
C THR A 44 -5.91 -9.40 6.91
N ASP A 45 -4.74 -9.10 7.45
CA ASP A 45 -3.49 -9.04 6.68
C ASP A 45 -3.04 -10.37 6.06
N PRO A 46 -2.48 -10.30 4.83
CA PRO A 46 -1.97 -11.43 4.02
C PRO A 46 -1.00 -12.40 4.68
N ALA A 47 -0.22 -11.90 5.64
CA ALA A 47 0.73 -12.74 6.35
C ALA A 47 0.58 -12.34 7.80
N SER A 48 -0.65 -12.48 8.29
CA SER A 48 -1.00 -12.11 9.65
C SER A 48 0.07 -12.43 10.67
N ASN A 49 0.31 -11.47 11.56
CA ASN A 49 1.30 -11.62 12.61
C ASN A 49 0.62 -11.39 13.96
N VAL A 50 -0.70 -11.18 13.93
CA VAL A 50 -1.46 -10.92 15.15
C VAL A 50 -1.22 -12.01 16.19
N GLY A 51 -1.16 -13.26 15.75
CA GLY A 51 -0.92 -14.34 16.69
C GLY A 51 0.36 -14.05 17.45
N GLN A 52 1.35 -13.55 16.73
CA GLN A 52 2.65 -13.22 17.32
C GLN A 52 2.56 -12.23 18.47
N VAL A 53 1.98 -11.07 18.19
CA VAL A 53 1.83 -10.03 19.22
C VAL A 53 1.16 -10.54 20.49
N PHE A 54 0.33 -11.57 20.38
CA PHE A 54 -0.33 -12.10 21.55
C PHE A 54 0.32 -13.39 22.01
N SER A 55 1.43 -13.72 21.35
CA SER A 55 2.20 -14.91 21.67
C SER A 55 1.32 -16.16 21.73
N GLN A 56 0.60 -16.41 20.64
CA GLN A 56 -0.25 -17.59 20.53
C GLN A 56 -0.69 -17.71 19.08
N THR A 57 -1.29 -18.84 18.71
CA THR A 57 -1.71 -19.02 17.33
C THR A 57 -3.20 -18.73 17.19
N ILE A 58 -3.57 -18.23 16.01
CA ILE A 58 -4.95 -17.92 15.70
C ILE A 58 -5.20 -18.39 14.27
N GLY A 59 -6.43 -18.80 13.98
CA GLY A 59 -6.74 -19.28 12.65
C GLY A 59 -8.04 -18.73 12.12
N ASN A 60 -8.62 -19.41 11.13
CA ASN A 60 -9.87 -19.01 10.50
C ASN A 60 -11.05 -19.46 11.35
N THR A 61 -10.79 -19.55 12.65
CA THR A 61 -11.77 -19.98 13.63
C THR A 61 -11.62 -19.06 14.83
N ILE A 62 -12.74 -18.54 15.33
CA ILE A 62 -12.70 -17.65 16.48
C ILE A 62 -12.11 -18.39 17.66
N GLN A 63 -11.11 -17.76 18.29
CA GLN A 63 -10.43 -18.30 19.44
C GLN A 63 -10.21 -17.21 20.46
N ALA A 64 -10.42 -17.54 21.73
CA ALA A 64 -10.22 -16.57 22.81
C ALA A 64 -8.72 -16.32 22.92
N ILE A 65 -8.33 -15.10 23.28
CA ILE A 65 -6.91 -14.81 23.44
C ILE A 65 -6.63 -14.97 24.92
N ALA A 66 -6.08 -16.12 25.28
CA ALA A 66 -5.77 -16.47 26.67
C ALA A 66 -5.21 -15.34 27.51
N SER A 67 -4.24 -14.61 26.98
CA SER A 67 -3.61 -13.50 27.71
C SER A 67 -4.48 -12.25 27.87
N VAL A 68 -5.67 -12.26 27.29
CA VAL A 68 -6.56 -11.10 27.38
C VAL A 68 -8.03 -11.49 27.55
N PRO A 69 -8.48 -11.72 28.79
CA PRO A 69 -9.88 -12.09 29.02
C PRO A 69 -10.86 -11.07 28.43
N GLY A 70 -11.86 -11.57 27.71
CA GLY A 70 -12.84 -10.70 27.08
C GLY A 70 -12.60 -10.57 25.57
N LEU A 71 -11.39 -10.91 25.15
CA LEU A 71 -10.98 -10.82 23.77
C LEU A 71 -10.76 -12.15 23.05
N SER A 72 -11.28 -12.23 21.84
CA SER A 72 -11.11 -13.41 20.99
C SER A 72 -10.58 -12.85 19.67
N ALA A 73 -10.09 -13.73 18.81
CA ALA A 73 -9.55 -13.28 17.55
C ALA A 73 -9.96 -14.22 16.42
N LEU A 74 -9.89 -13.70 15.20
CA LEU A 74 -10.23 -14.44 14.00
C LEU A 74 -9.38 -13.93 12.85
N GLU A 75 -8.73 -14.86 12.16
CA GLU A 75 -7.89 -14.51 11.03
C GLU A 75 -8.53 -14.86 9.68
N ILE A 76 -8.70 -13.85 8.84
CA ILE A 76 -9.26 -14.06 7.52
C ILE A 76 -8.08 -13.92 6.57
N ASP A 77 -7.68 -15.01 5.92
CA ASP A 77 -6.55 -14.95 5.01
C ASP A 77 -7.04 -14.44 3.64
N PRO A 78 -6.53 -13.27 3.21
CA PRO A 78 -6.95 -12.71 1.92
C PRO A 78 -6.38 -13.45 0.73
N GLN A 79 -5.15 -13.96 0.86
CA GLN A 79 -4.55 -14.69 -0.25
C GLN A 79 -5.32 -16.00 -0.43
N ALA A 80 -5.74 -16.58 0.69
CA ALA A 80 -6.49 -17.82 0.64
C ALA A 80 -7.87 -17.57 0.05
N ALA A 81 -8.50 -16.47 0.46
CA ALA A 81 -9.82 -16.15 -0.07
C ALA A 81 -9.81 -15.92 -1.58
N ALA A 82 -8.82 -15.20 -2.09
CA ALA A 82 -8.74 -14.95 -3.54
C ALA A 82 -8.53 -16.29 -4.27
N GLN A 83 -7.66 -17.12 -3.71
CA GLN A 83 -7.36 -18.45 -4.26
C GLN A 83 -8.61 -19.29 -4.45
N GLN A 84 -9.49 -19.30 -3.44
CA GLN A 84 -10.74 -20.07 -3.48
C GLN A 84 -11.75 -19.43 -4.40
N TYR A 85 -11.69 -18.10 -4.46
CA TYR A 85 -12.57 -17.34 -5.33
C TYR A 85 -12.23 -17.79 -6.76
N ARG A 86 -10.94 -17.78 -7.05
CA ARG A 86 -10.40 -18.14 -8.35
C ARG A 86 -10.75 -19.59 -8.72
N ALA A 87 -10.52 -20.50 -7.78
CA ALA A 87 -10.78 -21.93 -7.97
C ALA A 87 -12.24 -22.25 -8.24
N ARG A 88 -13.14 -21.49 -7.64
CA ARG A 88 -14.58 -21.70 -7.81
C ARG A 88 -14.96 -21.41 -9.27
N ILE A 89 -14.33 -20.40 -9.85
CA ILE A 89 -14.59 -20.00 -11.23
C ILE A 89 -13.84 -20.80 -12.28
N VAL A 90 -12.58 -21.09 -11.99
CA VAL A 90 -11.74 -21.80 -12.94
C VAL A 90 -11.88 -23.33 -12.94
N ASP A 91 -12.00 -23.96 -11.78
CA ASP A 91 -12.10 -25.42 -11.70
C ASP A 91 -13.11 -26.06 -12.65
N PRO A 92 -14.30 -25.47 -12.76
CA PRO A 92 -15.31 -26.03 -13.66
C PRO A 92 -14.90 -26.03 -15.14
N ILE A 93 -13.98 -25.16 -15.52
CA ILE A 93 -13.57 -25.14 -16.92
C ILE A 93 -12.25 -25.81 -17.21
N LYS A 94 -11.55 -26.29 -16.18
CA LYS A 94 -10.28 -27.00 -16.44
C LYS A 94 -10.58 -28.30 -17.20
N GLY A 95 -9.82 -28.57 -18.25
CA GLY A 95 -10.05 -29.76 -19.03
C GLY A 95 -11.28 -29.63 -19.92
N VAL A 96 -11.92 -28.47 -19.87
CA VAL A 96 -13.11 -28.20 -20.68
C VAL A 96 -12.71 -27.24 -21.79
N LEU A 97 -12.36 -26.02 -21.40
CA LEU A 97 -11.88 -25.02 -22.34
C LEU A 97 -10.41 -25.34 -22.54
N PRO A 98 -9.82 -24.89 -23.67
CA PRO A 98 -8.40 -25.18 -23.86
C PRO A 98 -7.54 -24.51 -22.80
N ASP A 99 -6.41 -25.14 -22.49
CA ASP A 99 -5.49 -24.65 -21.47
C ASP A 99 -5.10 -23.18 -21.50
N ASP A 100 -4.82 -22.64 -22.68
CA ASP A 100 -4.42 -21.23 -22.77
C ASP A 100 -5.58 -20.30 -22.41
N VAL A 101 -6.79 -20.74 -22.74
CA VAL A 101 -8.00 -19.99 -22.43
C VAL A 101 -8.20 -19.98 -20.90
N VAL A 102 -8.21 -21.16 -20.29
CA VAL A 102 -8.38 -21.25 -18.83
C VAL A 102 -7.29 -20.43 -18.16
N SER A 103 -6.06 -20.63 -18.59
CA SER A 103 -4.92 -19.90 -18.04
C SER A 103 -5.10 -18.37 -18.15
N SER A 104 -5.76 -17.91 -19.20
CA SER A 104 -5.99 -16.47 -19.35
C SER A 104 -7.07 -16.03 -18.36
N ILE A 105 -8.13 -16.81 -18.25
CA ILE A 105 -9.18 -16.50 -17.31
C ILE A 105 -8.61 -16.48 -15.88
N ASN A 106 -7.70 -17.42 -15.59
CA ASN A 106 -7.07 -17.51 -14.27
C ASN A 106 -6.25 -16.25 -13.97
N GLU A 107 -5.49 -15.77 -14.95
CA GLU A 107 -4.67 -14.58 -14.75
C GLU A 107 -5.56 -13.34 -14.48
N GLN A 108 -6.74 -13.31 -15.09
CA GLN A 108 -7.67 -12.21 -14.89
C GLN A 108 -8.17 -12.20 -13.47
N LEU A 109 -7.99 -13.30 -12.77
CA LEU A 109 -8.46 -13.37 -11.39
C LEU A 109 -7.29 -13.42 -10.42
N SER A 110 -6.16 -12.86 -10.81
CA SER A 110 -4.95 -12.88 -9.98
C SER A 110 -4.45 -11.49 -9.57
N GLY A 111 -5.20 -10.44 -9.85
CA GLY A 111 -4.72 -9.11 -9.47
C GLY A 111 -5.21 -8.68 -8.09
N ALA A 112 -4.73 -7.52 -7.64
CA ALA A 112 -5.12 -6.92 -6.36
C ALA A 112 -6.64 -6.72 -6.32
N CYS A 113 -7.24 -6.44 -7.47
CA CYS A 113 -8.68 -6.24 -7.50
C CYS A 113 -9.47 -7.49 -7.09
N THR A 114 -9.07 -8.67 -7.56
CA THR A 114 -9.76 -9.90 -7.17
C THR A 114 -9.59 -10.10 -5.66
N THR A 115 -8.39 -9.83 -5.14
CA THR A 115 -8.15 -9.97 -3.72
C THR A 115 -9.08 -9.05 -2.91
N GLU A 116 -9.26 -7.82 -3.38
CA GLU A 116 -10.16 -6.89 -2.66
C GLU A 116 -11.63 -7.38 -2.69
N ILE A 117 -12.07 -7.91 -3.83
CA ILE A 117 -13.45 -8.38 -3.95
C ILE A 117 -13.62 -9.57 -3.02
N ALA A 118 -12.63 -10.44 -2.99
CA ALA A 118 -12.68 -11.62 -2.14
C ALA A 118 -12.70 -11.17 -0.67
N ALA A 119 -11.86 -10.21 -0.32
CA ALA A 119 -11.84 -9.71 1.05
C ALA A 119 -13.23 -9.18 1.43
N PHE A 120 -13.87 -8.45 0.53
CA PHE A 120 -15.19 -7.89 0.79
C PHE A 120 -16.22 -9.00 1.01
N ASP A 121 -16.07 -10.10 0.29
CA ASP A 121 -16.97 -11.22 0.43
C ASP A 121 -16.85 -11.68 1.90
N GLU A 122 -15.63 -11.68 2.41
CA GLU A 122 -15.33 -12.07 3.80
C GLU A 122 -15.87 -11.06 4.80
N PHE A 123 -15.67 -9.77 4.52
CA PHE A 123 -16.17 -8.71 5.38
C PHE A 123 -17.71 -8.83 5.44
N THR A 124 -18.34 -9.03 4.28
CA THR A 124 -19.80 -9.16 4.19
C THR A 124 -20.38 -10.26 5.10
N GLY A 125 -19.73 -11.42 5.12
CA GLY A 125 -20.21 -12.50 5.96
C GLY A 125 -20.22 -12.06 7.41
N LEU A 126 -19.14 -11.44 7.87
CA LEU A 126 -19.08 -10.99 9.26
C LEU A 126 -20.09 -9.87 9.55
N LEU A 127 -20.25 -8.94 8.61
CA LEU A 127 -21.16 -7.82 8.79
C LEU A 127 -22.64 -8.21 8.78
N THR A 128 -22.94 -9.38 8.24
CA THR A 128 -24.31 -9.80 8.14
C THR A 128 -24.70 -10.87 9.14
N ASP A 129 -23.71 -11.35 9.90
CA ASP A 129 -23.98 -12.37 10.89
C ASP A 129 -24.46 -11.70 12.17
N ALA A 130 -25.77 -11.53 12.28
CA ALA A 130 -26.36 -10.87 13.44
C ALA A 130 -26.02 -11.56 14.76
N SER A 131 -25.79 -12.88 14.70
CA SER A 131 -25.50 -13.67 15.89
C SER A 131 -24.25 -13.21 16.59
N LEU A 132 -23.32 -12.67 15.81
CA LEU A 132 -22.05 -12.16 16.34
C LEU A 132 -22.26 -11.07 17.38
N LEU A 133 -23.22 -10.17 17.13
CA LEU A 133 -23.46 -9.08 18.05
C LEU A 133 -24.18 -9.56 19.30
N THR A 134 -24.42 -10.86 19.34
CA THR A 134 -25.06 -11.51 20.46
C THR A 134 -23.97 -11.98 21.41
N ARG A 135 -22.78 -12.21 20.86
CA ARG A 135 -21.63 -12.68 21.63
C ARG A 135 -20.60 -11.60 21.85
N PHE A 136 -20.55 -10.63 20.94
CA PHE A 136 -19.56 -9.56 21.07
C PHE A 136 -20.09 -8.14 21.11
N ASP A 137 -19.39 -7.31 21.88
CA ASP A 137 -19.75 -5.90 21.99
C ASP A 137 -19.16 -5.15 20.80
N HIS A 138 -17.94 -5.54 20.41
CA HIS A 138 -17.28 -4.91 19.27
C HIS A 138 -16.50 -5.89 18.44
N ILE A 139 -16.49 -5.65 17.14
CA ILE A 139 -15.72 -6.47 16.21
C ILE A 139 -14.80 -5.42 15.57
N ILE A 140 -13.49 -5.62 15.70
CA ILE A 140 -12.49 -4.68 15.17
C ILE A 140 -11.74 -5.26 13.98
N PHE A 141 -11.62 -4.49 12.90
CA PHE A 141 -10.94 -4.97 11.68
C PHE A 141 -9.73 -4.09 11.45
N ASP A 142 -8.58 -4.71 11.15
CA ASP A 142 -7.38 -3.93 10.93
C ASP A 142 -7.11 -3.47 9.50
N THR A 143 -8.13 -3.54 8.65
CA THR A 143 -8.09 -3.02 7.28
C THR A 143 -9.55 -2.74 7.01
N ALA A 144 -9.80 -2.05 5.91
CA ALA A 144 -11.16 -1.69 5.53
C ALA A 144 -11.26 -1.73 4.01
N PRO A 145 -12.47 -1.93 3.48
CA PRO A 145 -12.57 -1.96 2.02
C PRO A 145 -12.33 -0.56 1.45
N THR A 146 -12.12 -0.47 0.14
CA THR A 146 -11.90 0.82 -0.51
C THR A 146 -13.21 1.33 -1.08
N GLY A 147 -13.21 2.61 -1.43
CA GLY A 147 -14.40 3.20 -2.01
C GLY A 147 -14.73 2.53 -3.33
N HIS A 148 -13.69 2.21 -4.08
CA HIS A 148 -13.84 1.58 -5.38
C HIS A 148 -14.53 0.21 -5.26
N THR A 149 -14.06 -0.63 -4.35
CA THR A 149 -14.69 -1.94 -4.17
C THR A 149 -16.17 -1.75 -3.79
N ILE A 150 -16.44 -0.87 -2.84
CA ILE A 150 -17.82 -0.64 -2.41
C ILE A 150 -18.70 -0.16 -3.55
N ARG A 151 -18.22 0.82 -4.33
CA ARG A 151 -19.03 1.32 -5.45
C ARG A 151 -19.31 0.18 -6.43
N LEU A 152 -18.30 -0.65 -6.72
CA LEU A 152 -18.51 -1.76 -7.64
C LEU A 152 -19.67 -2.62 -7.20
N LEU A 153 -19.70 -2.94 -5.92
CA LEU A 153 -20.75 -3.81 -5.40
C LEU A 153 -22.14 -3.18 -5.32
N GLN A 154 -22.20 -1.85 -5.31
CA GLN A 154 -23.50 -1.19 -5.25
C GLN A 154 -24.09 -0.86 -6.62
N LEU A 155 -23.33 -1.11 -7.68
CA LEU A 155 -23.80 -0.82 -9.04
C LEU A 155 -24.76 -1.88 -9.61
N PRO A 156 -25.93 -1.44 -10.08
CA PRO A 156 -26.92 -2.33 -10.66
C PRO A 156 -26.26 -3.18 -11.76
N GLY A 157 -25.43 -2.54 -12.58
CA GLY A 157 -24.74 -3.21 -13.66
C GLY A 157 -23.93 -4.44 -13.24
N ALA A 158 -23.49 -4.46 -11.99
CA ALA A 158 -22.72 -5.61 -11.49
C ALA A 158 -23.61 -6.86 -11.44
N TRP A 159 -24.92 -6.66 -11.41
CA TRP A 159 -25.85 -7.79 -11.33
C TRP A 159 -26.67 -8.00 -12.59
N SER A 160 -26.10 -7.68 -13.75
CA SER A 160 -26.83 -7.82 -15.01
C SER A 160 -26.03 -7.45 -16.26
N SER A 161 -24.72 -7.24 -16.10
CA SER A 161 -23.90 -6.86 -17.25
C SER A 161 -22.92 -7.94 -17.67
N PHE A 162 -22.75 -8.06 -18.98
CA PHE A 162 -21.83 -9.01 -19.57
C PHE A 162 -21.02 -8.20 -20.56
N ILE A 163 -19.70 -8.20 -20.42
CA ILE A 163 -18.83 -7.43 -21.29
C ILE A 163 -17.96 -8.31 -22.19
N ALA A 170 -7.53 -5.09 -21.09
CA ALA A 170 -7.22 -5.26 -19.68
C ALA A 170 -8.45 -4.88 -18.87
N SER A 171 -8.96 -5.84 -18.11
CA SER A 171 -10.14 -5.64 -17.27
C SER A 171 -10.06 -6.45 -15.97
N CYS A 172 -10.61 -5.90 -14.90
CA CYS A 172 -10.60 -6.56 -13.60
C CYS A 172 -12.01 -6.90 -13.10
N LEU A 173 -12.98 -6.99 -13.99
CA LEU A 173 -14.34 -7.32 -13.57
C LEU A 173 -14.52 -8.81 -13.44
N GLY A 174 -13.57 -9.57 -13.97
CA GLY A 174 -13.65 -11.01 -13.89
C GLY A 174 -14.04 -11.48 -12.49
N PRO A 175 -13.49 -10.87 -11.44
CA PRO A 175 -13.82 -11.29 -10.07
C PRO A 175 -15.31 -11.32 -9.79
N MET A 176 -16.06 -10.38 -10.35
CA MET A 176 -17.50 -10.32 -10.12
C MET A 176 -18.17 -11.68 -10.31
N ALA A 177 -17.76 -12.40 -11.34
CA ALA A 177 -18.35 -13.70 -11.59
C ALA A 177 -18.34 -14.59 -10.35
N GLY A 178 -17.38 -14.41 -9.45
CA GLY A 178 -17.27 -15.26 -8.29
C GLY A 178 -18.02 -14.93 -7.01
N LEU A 179 -18.80 -13.85 -7.01
CA LEU A 179 -19.54 -13.44 -5.82
C LEU A 179 -20.35 -14.59 -5.21
N GLU A 180 -19.92 -15.00 -4.03
CA GLU A 180 -20.53 -16.10 -3.30
C GLU A 180 -21.98 -15.85 -2.84
N LYS A 181 -22.21 -14.68 -2.27
CA LYS A 181 -23.52 -14.34 -1.72
C LYS A 181 -24.52 -13.68 -2.65
N GLN A 182 -25.75 -13.57 -2.15
CA GLN A 182 -26.85 -12.95 -2.87
C GLN A 182 -26.69 -11.45 -2.80
N ARG A 183 -27.13 -10.76 -3.83
CA ARG A 183 -27.02 -9.30 -3.90
C ARG A 183 -27.47 -8.58 -2.63
N GLU A 184 -28.55 -9.08 -2.04
CA GLU A 184 -29.11 -8.48 -0.84
C GLU A 184 -28.11 -8.42 0.30
N GLN A 185 -27.33 -9.47 0.50
CA GLN A 185 -26.35 -9.48 1.57
C GLN A 185 -25.26 -8.40 1.41
N TYR A 186 -24.86 -8.09 0.18
CA TYR A 186 -23.82 -7.07 -0.04
C TYR A 186 -24.42 -5.69 0.21
N ALA A 187 -25.65 -5.49 -0.25
CA ALA A 187 -26.33 -4.22 -0.05
C ALA A 187 -26.47 -4.01 1.47
N TYR A 188 -26.83 -5.09 2.15
CA TYR A 188 -26.99 -5.07 3.60
C TYR A 188 -25.64 -4.67 4.20
N ALA A 189 -24.58 -5.41 3.84
CA ALA A 189 -23.23 -5.11 4.35
C ALA A 189 -22.89 -3.62 4.11
N VAL A 190 -23.21 -3.11 2.91
CA VAL A 190 -22.93 -1.70 2.63
C VAL A 190 -23.77 -0.78 3.53
N GLU A 191 -25.03 -1.13 3.80
CA GLU A 191 -25.84 -0.30 4.70
C GLU A 191 -25.20 -0.31 6.10
N ALA A 192 -24.72 -1.48 6.51
CA ALA A 192 -24.10 -1.60 7.82
C ALA A 192 -22.86 -0.70 7.89
N LEU A 193 -22.13 -0.60 6.80
CA LEU A 193 -20.93 0.25 6.80
C LEU A 193 -21.27 1.73 6.83
N SER A 194 -22.36 2.09 6.17
CA SER A 194 -22.76 3.48 6.06
C SER A 194 -23.58 3.99 7.25
N ASP A 195 -23.94 3.08 8.16
CA ASP A 195 -24.75 3.41 9.34
C ASP A 195 -23.84 3.79 10.51
N PRO A 196 -23.76 5.08 10.87
CA PRO A 196 -22.89 5.48 11.98
C PRO A 196 -23.21 4.77 13.30
N LYS A 197 -24.44 4.33 13.46
CA LYS A 197 -24.79 3.64 14.71
C LYS A 197 -24.22 2.23 14.72
N ARG A 198 -23.78 1.75 13.57
CA ARG A 198 -23.19 0.42 13.51
C ARG A 198 -21.71 0.38 13.24
N THR A 199 -21.24 1.34 12.45
CA THR A 199 -19.85 1.36 12.02
C THR A 199 -19.06 2.65 12.22
N ARG A 200 -17.83 2.48 12.71
CA ARG A 200 -16.94 3.61 12.89
C ARG A 200 -15.67 3.28 12.11
N LEU A 201 -15.20 4.27 11.37
CA LEU A 201 -14.02 4.12 10.56
C LEU A 201 -12.91 5.05 11.05
N VAL A 202 -11.75 4.48 11.32
CA VAL A 202 -10.59 5.25 11.73
C VAL A 202 -9.54 5.33 10.60
N LEU A 203 -9.25 6.55 10.19
CA LEU A 203 -8.25 6.81 9.15
C LEU A 203 -6.93 6.95 9.88
N VAL A 204 -5.97 6.10 9.57
CA VAL A 204 -4.68 6.16 10.23
C VAL A 204 -3.68 6.79 9.30
N ALA A 205 -2.86 7.70 9.85
CA ALA A 205 -1.86 8.40 9.05
C ALA A 205 -0.60 8.77 9.84
N ARG A 206 0.32 9.43 9.16
CA ARG A 206 1.57 9.88 9.78
C ARG A 206 1.65 11.37 9.49
N LEU A 207 2.41 12.09 10.31
CA LEU A 207 2.57 13.53 10.12
C LEU A 207 3.56 13.81 9.01
N GLN A 208 3.13 13.59 7.78
CA GLN A 208 3.96 13.80 6.61
C GLN A 208 3.02 14.33 5.54
N LYS A 209 3.35 15.49 4.99
CA LYS A 209 2.51 16.16 4.00
C LYS A 209 1.93 15.23 2.93
N SER A 210 2.77 14.30 2.45
CA SER A 210 2.35 13.37 1.41
C SER A 210 1.24 12.43 1.87
N THR A 211 1.50 11.68 2.95
CA THR A 211 0.51 10.74 3.49
C THR A 211 -0.82 11.44 3.78
N LEU A 212 -0.76 12.57 4.46
CA LEU A 212 -1.96 13.31 4.79
C LEU A 212 -2.83 13.56 3.58
N GLN A 213 -2.22 13.90 2.44
CA GLN A 213 -3.00 14.15 1.23
C GLN A 213 -3.68 12.88 0.73
N GLU A 214 -3.01 11.74 0.88
CA GLU A 214 -3.60 10.49 0.44
C GLU A 214 -4.78 10.16 1.36
N VAL A 215 -4.60 10.37 2.66
CA VAL A 215 -5.66 10.09 3.62
C VAL A 215 -6.85 11.01 3.40
N ALA A 216 -6.57 12.25 3.01
CA ALA A 216 -7.63 13.23 2.77
C ALA A 216 -8.52 12.75 1.65
N ARG A 217 -7.88 12.23 0.61
CA ARG A 217 -8.58 11.71 -0.58
C ARG A 217 -9.45 10.50 -0.19
N THR A 218 -8.92 9.65 0.67
CA THR A 218 -9.61 8.45 1.14
C THR A 218 -10.84 8.82 1.95
N HIS A 219 -10.72 9.91 2.70
CA HIS A 219 -11.82 10.38 3.51
C HIS A 219 -12.96 10.83 2.61
N LEU A 220 -12.63 11.60 1.57
CA LEU A 220 -13.67 12.09 0.66
C LEU A 220 -14.36 10.95 -0.08
N GLU A 221 -13.58 9.95 -0.51
CA GLU A 221 -14.20 8.84 -1.22
C GLU A 221 -15.16 8.08 -0.33
N LEU A 222 -14.74 7.73 0.88
CA LEU A 222 -15.60 6.97 1.78
C LEU A 222 -16.85 7.76 2.23
N ALA A 223 -16.70 9.05 2.50
CA ALA A 223 -17.84 9.88 2.89
C ALA A 223 -18.85 9.96 1.74
N ALA A 224 -18.32 10.12 0.52
CA ALA A 224 -19.16 10.22 -0.67
C ALA A 224 -20.07 8.98 -0.80
N ILE A 225 -19.58 7.85 -0.31
CA ILE A 225 -20.32 6.57 -0.35
C ILE A 225 -21.26 6.41 0.84
N GLY A 226 -21.08 7.23 1.88
CA GLY A 226 -21.96 7.11 3.04
C GLY A 226 -21.29 6.79 4.37
N LEU A 227 -19.99 6.56 4.36
CA LEU A 227 -19.29 6.29 5.61
C LEU A 227 -18.84 7.62 6.13
N LYS A 228 -19.71 8.26 6.91
CA LYS A 228 -19.43 9.57 7.43
C LYS A 228 -19.07 9.56 8.91
N ASN A 229 -18.93 8.36 9.48
CA ASN A 229 -18.55 8.26 10.88
C ASN A 229 -17.05 7.95 10.87
N GLN A 230 -16.26 9.01 10.67
CA GLN A 230 -14.82 8.89 10.56
C GLN A 230 -13.99 9.65 11.56
N TYR A 231 -12.91 9.02 11.99
CA TYR A 231 -11.97 9.57 12.95
C TYR A 231 -10.55 9.52 12.38
N LEU A 232 -9.75 10.53 12.69
CA LEU A 232 -8.39 10.59 12.20
C LEU A 232 -7.42 10.35 13.37
N VAL A 233 -6.57 9.35 13.21
CA VAL A 233 -5.58 9.03 14.21
C VAL A 233 -4.21 9.19 13.54
N ILE A 234 -3.43 10.16 14.02
CA ILE A 234 -2.10 10.41 13.52
C ILE A 234 -1.12 9.61 14.39
N ASN A 235 -0.45 8.63 13.78
CA ASN A 235 0.47 7.73 14.46
C ASN A 235 1.95 8.11 14.33
N GLY A 236 2.77 7.52 15.19
CA GLY A 236 4.22 7.73 15.16
C GLY A 236 4.78 9.13 15.34
N VAL A 237 4.00 10.04 15.90
CA VAL A 237 4.44 11.42 16.12
C VAL A 237 5.68 11.53 17.03
N LEU A 238 6.61 12.40 16.66
CA LEU A 238 7.83 12.59 17.46
C LEU A 238 7.57 13.56 18.62
N PRO A 239 7.72 13.09 19.86
CA PRO A 239 7.48 13.97 21.00
C PRO A 239 8.53 15.09 21.04
N LYS A 240 8.08 16.33 21.15
CA LYS A 240 8.95 17.51 21.20
C LYS A 240 10.20 17.29 22.04
N THR A 241 10.04 16.73 23.23
CA THR A 241 11.16 16.48 24.12
C THR A 241 12.40 16.01 23.35
N GLU A 242 12.21 14.97 22.54
CA GLU A 242 13.29 14.39 21.74
C GLU A 242 13.98 15.39 20.82
N ALA A 243 13.25 16.45 20.44
CA ALA A 243 13.80 17.47 19.54
C ALA A 243 14.83 18.35 20.22
N ALA A 244 15.28 17.93 21.40
CA ALA A 244 16.28 18.70 22.13
C ALA A 244 17.66 18.09 21.93
N ASN A 245 18.60 18.95 21.55
CA ASN A 245 19.98 18.54 21.34
C ASN A 245 20.14 17.50 20.24
N ASP A 246 19.70 17.86 19.02
CA ASP A 246 19.81 16.98 17.86
C ASP A 246 19.19 17.64 16.64
N THR A 247 20.00 17.83 15.61
CA THR A 247 19.55 18.49 14.39
C THR A 247 18.47 17.74 13.61
N LEU A 248 18.60 16.42 13.51
CA LEU A 248 17.61 15.62 12.77
C LEU A 248 16.28 15.60 13.51
N ALA A 249 16.32 15.15 14.77
CA ALA A 249 15.13 15.07 15.59
C ALA A 249 14.42 16.43 15.65
N ALA A 250 15.20 17.50 15.53
CA ALA A 250 14.65 18.84 15.54
C ALA A 250 14.02 19.14 14.19
N ALA A 251 14.74 18.77 13.12
CA ALA A 251 14.24 19.00 11.77
C ALA A 251 13.00 18.17 11.52
N ILE A 252 12.96 16.97 12.08
CA ILE A 252 11.79 16.11 11.92
C ILE A 252 10.66 16.69 12.74
N TRP A 253 10.89 16.88 14.03
CA TRP A 253 9.87 17.43 14.91
C TRP A 253 9.29 18.70 14.28
N GLU A 254 10.15 19.48 13.66
CA GLU A 254 9.75 20.72 13.00
C GLU A 254 8.90 20.43 11.76
N ARG A 255 9.26 19.40 11.02
CA ARG A 255 8.53 19.05 9.80
C ARG A 255 7.11 18.54 10.08
N GLU A 256 6.98 17.68 11.08
CA GLU A 256 5.68 17.13 11.42
C GLU A 256 4.79 18.24 11.98
N GLN A 257 5.36 19.05 12.86
CA GLN A 257 4.64 20.14 13.48
C GLN A 257 3.98 21.02 12.44
N GLU A 258 4.73 21.42 11.43
CA GLU A 258 4.17 22.25 10.40
C GLU A 258 2.94 21.54 9.84
N ALA A 259 3.13 20.28 9.47
CA ALA A 259 2.06 19.46 8.90
C ALA A 259 0.91 19.26 9.87
N LEU A 260 1.23 19.10 11.15
CA LEU A 260 0.21 18.90 12.16
C LEU A 260 -0.65 20.14 12.26
N ALA A 261 -0.02 21.31 12.15
CA ALA A 261 -0.73 22.58 12.24
C ALA A 261 -1.29 23.02 10.88
N ASN A 262 -0.98 22.26 9.84
CA ASN A 262 -1.46 22.59 8.50
C ASN A 262 -2.08 21.38 7.81
N LEU A 263 -2.89 20.63 8.55
CA LEU A 263 -3.55 19.45 8.02
C LEU A 263 -4.37 19.82 6.80
N PRO A 264 -4.45 18.92 5.81
CA PRO A 264 -5.25 19.24 4.63
C PRO A 264 -6.68 19.57 5.05
N ALA A 265 -7.20 20.67 4.50
CA ALA A 265 -8.53 21.16 4.82
C ALA A 265 -9.63 20.12 4.98
N ASP A 266 -9.63 19.10 4.11
CA ASP A 266 -10.64 18.04 4.14
C ASP A 266 -10.65 17.22 5.43
N LEU A 267 -9.52 17.15 6.13
CA LEU A 267 -9.44 16.38 7.38
C LEU A 267 -9.56 17.26 8.62
N ALA A 268 -9.54 18.56 8.42
CA ALA A 268 -9.61 19.52 9.51
C ALA A 268 -10.78 19.35 10.47
N GLY A 269 -11.96 19.04 9.93
CA GLY A 269 -13.12 18.89 10.78
C GLY A 269 -13.26 17.55 11.49
N LEU A 270 -12.38 16.60 11.18
CA LEU A 270 -12.47 15.28 11.79
C LEU A 270 -11.85 15.17 13.17
N PRO A 271 -12.48 14.41 14.06
CA PRO A 271 -11.89 14.28 15.40
C PRO A 271 -10.53 13.62 15.21
N THR A 272 -9.50 14.29 15.68
CA THR A 272 -8.11 13.84 15.54
C THR A 272 -7.40 13.54 16.87
N ASP A 273 -6.74 12.39 16.94
CA ASP A 273 -5.98 11.99 18.11
C ASP A 273 -4.58 11.75 17.57
N THR A 274 -3.56 11.88 18.43
CA THR A 274 -2.21 11.60 17.99
C THR A 274 -1.59 10.57 18.92
N LEU A 275 -0.81 9.67 18.35
CA LEU A 275 -0.14 8.60 19.09
C LEU A 275 1.36 8.82 18.89
N PHE A 276 2.10 8.82 19.99
CA PHE A 276 3.54 9.04 19.94
C PHE A 276 4.32 7.87 19.42
N LEU A 277 5.48 8.17 18.84
CA LEU A 277 6.38 7.14 18.31
C LEU A 277 6.93 6.34 19.51
N GLN A 278 6.94 5.02 19.40
CA GLN A 278 7.43 4.17 20.49
C GLN A 278 8.84 3.68 20.18
N PRO A 279 9.68 3.57 21.21
CA PRO A 279 11.07 3.10 21.02
C PRO A 279 11.19 1.65 20.52
N VAL A 280 10.18 0.84 20.74
CA VAL A 280 10.26 -0.56 20.29
C VAL A 280 8.99 -0.99 19.58
N ASN A 281 9.12 -1.76 18.51
CA ASN A 281 7.93 -2.25 17.82
C ASN A 281 7.17 -3.12 18.84
N MET A 282 6.01 -2.63 19.28
CA MET A 282 5.19 -3.31 20.28
C MET A 282 4.99 -4.79 20.01
N VAL A 283 5.49 -5.63 20.90
CA VAL A 283 5.34 -7.07 20.73
C VAL A 283 4.61 -7.76 21.89
N GLY A 284 3.98 -6.96 22.75
CA GLY A 284 3.24 -7.52 23.87
C GLY A 284 2.14 -6.58 24.33
N VAL A 285 1.31 -7.03 25.26
CA VAL A 285 0.21 -6.22 25.79
C VAL A 285 0.65 -4.90 26.43
N SER A 286 1.68 -4.97 27.27
CA SER A 286 2.18 -3.77 27.92
C SER A 286 2.66 -2.76 26.87
N ALA A 287 3.40 -3.27 25.87
CA ALA A 287 3.92 -2.42 24.81
C ALA A 287 2.76 -1.81 24.03
N LEU A 288 1.81 -2.68 23.64
CA LEU A 288 0.65 -2.24 22.90
C LEU A 288 -0.12 -1.14 23.64
N SER A 289 -0.47 -1.42 24.89
CA SER A 289 -1.23 -0.48 25.69
C SER A 289 -0.51 0.85 25.91
N ARG A 290 0.82 0.82 25.90
CA ARG A 290 1.62 2.03 26.09
C ARG A 290 1.42 2.96 24.89
N LEU A 291 0.94 2.39 23.79
CA LEU A 291 0.71 3.15 22.56
C LEU A 291 -0.43 4.17 22.71
N LEU A 292 -1.41 3.87 23.54
CA LEU A 292 -2.55 4.78 23.73
C LEU A 292 -2.28 5.88 24.75
N SER A 293 -1.06 5.94 25.25
CA SER A 293 -0.66 6.96 26.22
C SER A 293 -0.78 8.37 25.65
N THR A 294 -1.34 9.27 26.44
CA THR A 294 -1.54 10.65 26.04
C THR A 294 -0.31 11.50 26.34
N GLN A 295 0.70 10.88 26.94
CA GLN A 295 1.95 11.56 27.29
C GLN A 295 3.11 10.58 27.12
N PRO A 296 4.25 11.07 26.58
CA PRO A 296 5.44 10.23 26.35
C PRO A 296 5.93 9.47 27.58
N GLN A 308 27.11 2.03 15.43
CA GLN A 308 25.79 1.42 15.42
C GLN A 308 25.20 1.45 14.00
N ARG A 309 25.75 0.64 13.09
CA ARG A 309 25.28 0.63 11.71
C ARG A 309 25.35 -0.69 10.96
N PRO A 310 24.54 -0.82 9.88
CA PRO A 310 24.47 -2.01 9.02
C PRO A 310 25.45 -1.89 7.87
N ASP A 311 25.77 -3.02 7.26
CA ASP A 311 26.73 -3.03 6.15
C ASP A 311 26.05 -3.15 4.78
N ILE A 312 25.54 -2.02 4.31
CA ILE A 312 24.87 -1.97 3.03
C ILE A 312 25.37 -0.78 2.25
N PRO A 313 25.68 -0.98 0.96
CA PRO A 313 26.18 0.08 0.09
C PRO A 313 25.20 1.25 -0.01
N SER A 314 25.72 2.38 -0.46
CA SER A 314 24.91 3.59 -0.61
C SER A 314 24.21 3.51 -1.95
N LEU A 315 23.32 4.47 -2.21
CA LEU A 315 22.60 4.52 -3.48
C LEU A 315 23.64 4.75 -4.56
N SER A 316 24.69 5.50 -4.21
CA SER A 316 25.78 5.79 -5.14
C SER A 316 26.31 4.50 -5.75
N ALA A 317 26.45 3.49 -4.89
CA ALA A 317 26.93 2.18 -5.32
C ALA A 317 26.02 1.54 -6.38
N LEU A 318 24.72 1.48 -6.14
CA LEU A 318 23.83 0.89 -7.13
C LEU A 318 23.97 1.66 -8.43
N VAL A 319 23.97 2.99 -8.30
CA VAL A 319 24.10 3.84 -9.48
C VAL A 319 25.42 3.55 -10.19
N ASP A 320 26.50 3.38 -9.43
CA ASP A 320 27.79 3.06 -10.06
C ASP A 320 27.63 1.82 -10.94
N ASP A 321 27.11 0.72 -10.39
CA ASP A 321 26.95 -0.49 -11.19
C ASP A 321 25.98 -0.31 -12.34
N ILE A 322 24.98 0.57 -12.17
CA ILE A 322 24.04 0.79 -13.24
C ILE A 322 24.69 1.51 -14.42
N ALA A 323 25.62 2.41 -14.11
CA ALA A 323 26.30 3.19 -15.14
C ALA A 323 27.09 2.31 -16.11
N ARG A 324 27.60 1.20 -15.58
CA ARG A 324 28.42 0.29 -16.36
C ARG A 324 28.13 0.13 -17.84
N ASN A 325 26.91 -0.16 -18.25
CA ASN A 325 26.69 -0.32 -19.68
C ASN A 325 26.30 0.92 -20.49
N GLU A 326 26.50 2.10 -19.90
CA GLU A 326 26.23 3.37 -20.57
C GLU A 326 24.81 3.67 -21.05
N HIS A 327 23.90 2.73 -20.89
CA HIS A 327 22.53 2.95 -21.31
C HIS A 327 21.59 1.93 -20.66
N GLY A 328 20.31 2.05 -20.94
CA GLY A 328 19.34 1.11 -20.38
C GLY A 328 18.08 1.71 -19.76
N LEU A 329 17.11 0.84 -19.53
CA LEU A 329 15.85 1.22 -18.93
C LEU A 329 15.96 0.91 -17.45
N ILE A 330 15.65 1.91 -16.62
CA ILE A 330 15.68 1.76 -15.17
C ILE A 330 14.28 2.10 -14.67
N MET A 331 13.67 1.14 -13.99
CA MET A 331 12.31 1.31 -13.50
C MET A 331 12.19 1.18 -12.00
N LEU A 332 11.75 2.26 -11.36
CA LEU A 332 11.55 2.25 -9.91
C LEU A 332 10.12 1.82 -9.59
N MET A 333 10.00 0.79 -8.77
CA MET A 333 8.71 0.23 -8.40
C MET A 333 8.60 0.15 -6.88
N GLY A 334 7.38 0.03 -6.40
CA GLY A 334 7.13 -0.05 -4.97
C GLY A 334 5.75 0.48 -4.67
N LYS A 335 5.33 0.33 -3.43
CA LYS A 335 4.03 0.79 -3.01
C LYS A 335 4.01 2.31 -3.04
N GLY A 336 2.83 2.89 -2.85
CA GLY A 336 2.74 4.33 -2.87
C GLY A 336 3.47 4.97 -1.71
N GLY A 337 4.08 6.13 -1.97
CA GLY A 337 4.78 6.87 -0.93
C GLY A 337 6.09 6.36 -0.35
N VAL A 338 6.64 5.29 -0.91
CA VAL A 338 7.90 4.77 -0.37
C VAL A 338 9.10 5.60 -0.84
N GLY A 339 8.93 6.34 -1.93
CA GLY A 339 10.02 7.17 -2.42
C GLY A 339 10.48 6.91 -3.85
N LYS A 340 9.63 6.29 -4.66
CA LYS A 340 10.00 5.99 -6.03
C LYS A 340 10.40 7.23 -6.85
N THR A 341 9.64 8.30 -6.76
CA THR A 341 9.97 9.51 -7.51
C THR A 341 11.26 10.18 -7.00
N THR A 342 11.44 10.18 -5.70
CA THR A 342 12.62 10.77 -5.11
C THR A 342 13.84 9.96 -5.52
N MET A 343 13.73 8.64 -5.44
CA MET A 343 14.87 7.79 -5.80
C MET A 343 15.18 7.91 -7.28
N ALA A 344 14.14 7.95 -8.12
CA ALA A 344 14.35 8.06 -9.56
C ALA A 344 15.08 9.35 -9.90
N ALA A 345 14.70 10.43 -9.19
CA ALA A 345 15.29 11.74 -9.38
C ALA A 345 16.78 11.70 -9.02
N ALA A 346 17.08 11.12 -7.85
CA ALA A 346 18.44 10.99 -7.35
C ALA A 346 19.33 10.15 -8.25
N ILE A 347 18.73 9.17 -8.92
CA ILE A 347 19.44 8.28 -9.83
C ILE A 347 19.77 9.05 -11.10
N ALA A 348 18.76 9.73 -11.65
CA ALA A 348 18.93 10.50 -12.88
C ALA A 348 19.95 11.62 -12.69
N VAL A 349 19.97 12.23 -11.51
CA VAL A 349 20.89 13.33 -11.24
C VAL A 349 22.34 12.81 -11.26
N ARG A 350 22.59 11.72 -10.54
CA ARG A 350 23.93 11.14 -10.50
C ARG A 350 24.42 10.70 -11.87
N LEU A 351 23.60 9.96 -12.60
CA LEU A 351 23.99 9.54 -13.94
C LEU A 351 24.36 10.77 -14.78
N ALA A 352 23.43 11.72 -14.86
CA ALA A 352 23.64 12.96 -15.62
C ALA A 352 24.93 13.64 -15.16
N ASP A 353 25.12 13.74 -13.85
CA ASP A 353 26.32 14.36 -13.28
C ASP A 353 27.62 13.64 -13.63
N MET A 354 27.53 12.40 -14.08
CA MET A 354 28.75 11.68 -14.40
C MET A 354 28.96 11.52 -15.89
N GLY A 355 28.36 12.41 -16.67
CA GLY A 355 28.55 12.40 -18.10
C GLY A 355 27.62 11.60 -18.97
N PHE A 356 26.71 10.86 -18.36
CA PHE A 356 25.80 10.04 -19.14
C PHE A 356 24.58 10.79 -19.57
N ASP A 357 24.01 10.36 -20.69
CA ASP A 357 22.81 10.98 -21.21
C ASP A 357 21.65 10.36 -20.41
N VAL A 358 20.80 11.20 -19.83
CA VAL A 358 19.69 10.69 -19.05
C VAL A 358 18.36 11.36 -19.35
N HIS A 359 17.32 10.55 -19.43
CA HIS A 359 15.99 11.06 -19.68
C HIS A 359 15.10 10.51 -18.56
N LEU A 360 14.65 11.41 -17.68
CA LEU A 360 13.81 11.06 -16.55
C LEU A 360 12.34 11.29 -16.86
N THR A 361 11.52 10.30 -16.55
CA THR A 361 10.08 10.44 -16.78
C THR A 361 9.38 10.37 -15.44
N THR A 362 8.40 11.25 -15.24
CA THR A 362 7.67 11.27 -13.98
C THR A 362 6.18 11.49 -14.19
N SER A 363 5.42 10.99 -13.24
CA SER A 363 3.97 11.06 -13.27
C SER A 363 3.52 12.03 -12.19
N ASP A 364 4.49 12.60 -11.49
CA ASP A 364 4.23 13.54 -10.42
C ASP A 364 4.57 14.97 -10.84
N PRO A 365 3.56 15.84 -10.91
CA PRO A 365 3.75 17.24 -11.31
C PRO A 365 4.71 18.08 -10.45
N ALA A 366 4.86 17.73 -9.18
CA ALA A 366 5.75 18.46 -8.29
C ALA A 366 7.18 17.91 -8.26
N ASN A 378 22.66 20.02 -18.13
CA ASN A 378 21.99 19.37 -19.25
C ASN A 378 22.18 17.85 -19.21
N ASN A 379 22.36 17.25 -20.38
CA ASN A 379 22.51 15.78 -20.50
C ASN A 379 21.57 15.04 -19.54
N LEU A 380 20.45 15.70 -19.26
CA LEU A 380 19.37 15.20 -18.41
C LEU A 380 18.11 15.95 -18.82
N GLN A 381 17.20 15.27 -19.48
CA GLN A 381 15.96 15.90 -19.86
C GLN A 381 14.86 15.22 -19.05
N VAL A 382 13.91 16.01 -18.58
CA VAL A 382 12.81 15.51 -17.77
C VAL A 382 11.46 15.60 -18.48
N SER A 383 10.73 14.49 -18.47
CA SER A 383 9.42 14.46 -19.08
C SER A 383 8.44 14.26 -17.96
N ARG A 384 7.38 15.04 -17.97
CA ARG A 384 6.35 14.92 -16.94
C ARG A 384 5.06 14.58 -17.67
N ILE A 385 4.40 13.52 -17.27
CA ILE A 385 3.13 13.20 -17.91
C ILE A 385 2.09 13.37 -16.83
N ASP A 386 0.91 13.84 -17.23
CA ASP A 386 -0.19 14.08 -16.31
C ASP A 386 -1.04 12.82 -16.27
N PRO A 387 -1.00 12.09 -15.14
CA PRO A 387 -1.74 10.84 -14.94
C PRO A 387 -3.22 10.96 -15.28
N HIS A 388 -3.82 12.06 -14.82
CA HIS A 388 -5.22 12.37 -15.06
C HIS A 388 -5.53 12.40 -16.57
N GLU A 389 -4.72 13.11 -17.34
CA GLU A 389 -5.01 13.19 -18.76
C GLU A 389 -4.76 11.86 -19.45
N GLU A 390 -3.73 11.13 -19.05
CA GLU A 390 -3.47 9.84 -19.66
C GLU A 390 -4.61 8.88 -19.31
N THR A 391 -4.93 8.81 -18.01
CA THR A 391 -5.98 7.92 -17.58
C THR A 391 -7.21 8.18 -18.41
N GLU A 392 -7.64 9.45 -18.45
CA GLU A 392 -8.83 9.82 -19.21
C GLU A 392 -8.76 9.45 -20.69
N ARG A 393 -7.58 9.55 -21.30
CA ARG A 393 -7.41 9.17 -22.70
C ARG A 393 -7.71 7.68 -22.78
N TYR A 394 -6.92 6.92 -22.02
CA TYR A 394 -7.02 5.46 -21.96
C TYR A 394 -8.46 5.05 -21.66
N ARG A 395 -9.10 5.79 -20.75
CA ARG A 395 -10.47 5.49 -20.39
C ARG A 395 -11.41 5.70 -21.58
N GLN A 396 -11.23 6.82 -22.27
CA GLN A 396 -12.06 7.12 -23.42
C GLN A 396 -11.91 5.98 -24.42
N HIS A 397 -10.68 5.51 -24.57
CA HIS A 397 -10.37 4.44 -25.51
C HIS A 397 -11.06 3.12 -25.17
N VAL A 398 -10.88 2.63 -23.95
CA VAL A 398 -11.50 1.37 -23.58
C VAL A 398 -13.01 1.49 -23.63
N LEU A 399 -13.53 2.70 -23.41
CA LEU A 399 -14.98 2.91 -23.46
C LEU A 399 -15.58 2.72 -24.84
N GLU A 400 -14.96 3.27 -25.89
CA GLU A 400 -15.53 3.08 -27.22
C GLU A 400 -15.28 1.64 -27.68
N THR A 401 -14.19 1.05 -27.21
CA THR A 401 -13.81 -0.31 -27.56
C THR A 401 -14.72 -1.40 -26.99
N LYS A 402 -14.90 -1.40 -25.67
CA LYS A 402 -15.72 -2.40 -24.97
C LYS A 402 -17.10 -1.92 -24.55
N GLY A 403 -17.35 -0.62 -24.67
CA GLY A 403 -18.62 -0.08 -24.24
C GLY A 403 -19.80 -0.23 -25.16
N LYS A 404 -19.56 -0.30 -26.47
CA LYS A 404 -20.66 -0.42 -27.40
C LYS A 404 -21.55 -1.59 -27.02
N GLU A 405 -22.84 -1.44 -27.30
CA GLU A 405 -23.81 -2.50 -27.01
C GLU A 405 -24.18 -2.64 -25.54
N LEU A 406 -23.35 -2.12 -24.64
CA LEU A 406 -23.64 -2.18 -23.21
C LEU A 406 -24.76 -1.19 -22.93
N ASP A 407 -25.71 -1.54 -22.06
CA ASP A 407 -26.75 -0.57 -21.73
C ASP A 407 -26.12 0.47 -20.76
N GLU A 408 -26.88 1.42 -20.23
CA GLU A 408 -26.26 2.41 -19.35
C GLU A 408 -25.70 1.85 -18.04
N ALA A 409 -26.44 0.94 -17.42
CA ALA A 409 -25.96 0.33 -16.18
C ALA A 409 -24.65 -0.40 -16.48
N GLY A 410 -24.55 -0.97 -17.67
CA GLY A 410 -23.32 -1.69 -18.04
C GLY A 410 -22.15 -0.74 -18.23
N LYS A 411 -22.41 0.43 -18.81
CA LYS A 411 -21.36 1.39 -19.03
C LYS A 411 -20.83 1.96 -17.71
N ARG A 412 -21.71 2.19 -16.76
CA ARG A 412 -21.28 2.72 -15.46
C ARG A 412 -20.43 1.65 -14.77
N LEU A 413 -20.80 0.38 -14.93
CA LEU A 413 -20.01 -0.68 -14.32
C LEU A 413 -18.59 -0.64 -14.93
N LEU A 414 -18.54 -0.53 -16.25
CA LEU A 414 -17.28 -0.46 -16.97
C LEU A 414 -16.50 0.78 -16.52
N GLU A 415 -17.18 1.92 -16.39
CA GLU A 415 -16.51 3.15 -15.97
C GLU A 415 -15.91 3.01 -14.58
N GLU A 416 -16.59 2.28 -13.71
CA GLU A 416 -16.08 2.11 -12.36
C GLU A 416 -14.86 1.19 -12.40
N ASP A 417 -14.87 0.22 -13.30
CA ASP A 417 -13.73 -0.68 -13.42
C ASP A 417 -12.53 0.15 -13.89
N LEU A 418 -12.79 1.16 -14.70
CA LEU A 418 -11.72 2.03 -15.19
C LEU A 418 -11.31 3.03 -14.11
N ARG A 419 -11.77 2.77 -12.89
CA ARG A 419 -11.46 3.59 -11.73
C ARG A 419 -10.61 2.77 -10.76
N SER A 420 -10.13 1.62 -11.21
CA SER A 420 -9.30 0.76 -10.36
C SER A 420 -7.93 1.43 -10.32
N PRO A 421 -7.15 1.19 -9.27
CA PRO A 421 -5.82 1.80 -9.18
C PRO A 421 -5.00 1.40 -10.41
N CYS A 422 -5.18 0.17 -10.90
CA CYS A 422 -4.39 -0.29 -12.04
C CYS A 422 -4.66 0.46 -13.34
N THR A 423 -5.85 1.04 -13.48
CA THR A 423 -6.20 1.79 -14.69
C THR A 423 -5.18 2.90 -14.92
N GLU A 424 -4.89 3.66 -13.88
CA GLU A 424 -3.93 4.74 -13.99
C GLU A 424 -2.54 4.23 -14.35
N GLU A 425 -2.11 3.15 -13.69
CA GLU A 425 -0.77 2.58 -13.94
C GLU A 425 -0.62 2.16 -15.38
N ILE A 426 -1.68 1.60 -15.94
CA ILE A 426 -1.67 1.19 -17.32
C ILE A 426 -1.53 2.40 -18.24
N ALA A 427 -2.35 3.41 -17.96
CA ALA A 427 -2.36 4.62 -18.77
C ALA A 427 -1.04 5.38 -18.74
N VAL A 428 -0.45 5.47 -17.55
CA VAL A 428 0.80 6.18 -17.38
C VAL A 428 1.95 5.38 -18.02
N PHE A 429 1.88 4.06 -17.91
CA PHE A 429 2.89 3.21 -18.50
C PHE A 429 2.76 3.38 -20.00
N GLN A 430 1.53 3.45 -20.47
CA GLN A 430 1.23 3.62 -21.88
C GLN A 430 1.98 4.83 -22.41
N ALA A 431 1.92 5.93 -21.66
CA ALA A 431 2.56 7.17 -22.06
C ALA A 431 4.08 7.07 -22.00
N PHE A 432 4.61 6.52 -20.91
CA PHE A 432 6.05 6.36 -20.75
C PHE A 432 6.64 5.55 -21.89
N SER A 433 5.80 4.71 -22.49
CA SER A 433 6.23 3.86 -23.58
C SER A 433 6.78 4.61 -24.78
N ARG A 434 6.41 5.88 -24.91
CA ARG A 434 6.89 6.68 -26.03
C ARG A 434 8.40 6.85 -25.99
N VAL A 435 8.94 7.12 -24.79
CA VAL A 435 10.36 7.31 -24.61
C VAL A 435 11.13 6.08 -24.14
N ILE A 436 10.42 4.99 -23.87
CA ILE A 436 11.11 3.79 -23.41
C ILE A 436 12.03 3.24 -24.49
N ARG A 437 11.81 3.67 -25.72
CA ARG A 437 12.63 3.23 -26.84
C ARG A 437 14.01 3.90 -26.86
N GLU A 438 14.15 4.98 -26.09
CA GLU A 438 15.40 5.73 -25.99
C GLU A 438 16.40 5.00 -25.08
N ALA A 439 15.90 4.01 -24.34
CA ALA A 439 16.74 3.24 -23.43
C ALA A 439 17.86 2.56 -24.20
N GLY A 440 17.74 2.53 -25.52
CA GLY A 440 18.77 1.92 -26.35
C GLY A 440 19.98 2.82 -26.56
N LYS A 441 19.77 4.13 -26.59
CA LYS A 441 20.87 5.07 -26.80
C LYS A 441 21.33 5.79 -25.53
N ARG A 442 20.50 5.74 -24.48
CA ARG A 442 20.83 6.41 -23.23
C ARG A 442 20.13 5.76 -22.06
N PHE A 443 20.11 6.48 -20.94
CA PHE A 443 19.45 5.97 -19.75
C PHE A 443 18.07 6.59 -19.65
N VAL A 444 17.08 5.72 -19.49
CA VAL A 444 15.71 6.16 -19.32
C VAL A 444 15.34 5.73 -17.91
N VAL A 445 14.94 6.69 -17.08
CA VAL A 445 14.56 6.38 -15.71
C VAL A 445 13.08 6.69 -15.45
N MET A 446 12.32 5.67 -15.06
CA MET A 446 10.89 5.82 -14.79
C MET A 446 10.60 5.64 -13.30
N ASP A 447 9.70 6.45 -12.73
CA ASP A 447 9.41 6.35 -11.29
C ASP A 447 8.20 5.52 -10.88
N THR A 448 7.64 4.78 -11.83
CA THR A 448 6.48 3.95 -11.54
C THR A 448 6.32 2.94 -12.67
N ALA A 449 5.68 1.81 -12.37
CA ALA A 449 5.48 0.74 -13.35
C ALA A 449 4.27 -0.09 -12.96
N PRO A 450 3.66 -0.78 -13.94
CA PRO A 450 2.48 -1.60 -13.61
C PRO A 450 2.94 -2.87 -12.89
N THR A 451 1.99 -3.60 -12.32
CA THR A 451 2.29 -4.85 -11.61
C THR A 451 2.62 -5.98 -12.61
N GLY A 452 3.19 -7.07 -12.11
CA GLY A 452 3.48 -8.16 -13.01
C GLY A 452 2.15 -8.62 -13.58
N HIS A 453 1.13 -8.70 -12.70
CA HIS A 453 -0.20 -9.13 -13.10
C HIS A 453 -0.70 -8.29 -14.26
N THR A 454 -0.66 -6.97 -14.09
CA THR A 454 -1.11 -6.08 -15.14
C THR A 454 -0.25 -6.22 -16.40
N LEU A 455 1.06 -6.39 -16.22
CA LEU A 455 1.93 -6.57 -17.36
C LEU A 455 1.46 -7.80 -18.17
N LEU A 456 1.35 -8.94 -17.48
CA LEU A 456 0.87 -10.17 -18.10
C LEU A 456 -0.42 -9.94 -18.89
N LEU A 457 -1.35 -9.22 -18.27
CA LEU A 457 -2.63 -8.93 -18.90
C LEU A 457 -2.45 -8.10 -20.17
N LEU A 458 -1.63 -7.05 -20.10
CA LEU A 458 -1.37 -6.19 -21.26
C LEU A 458 -0.68 -6.96 -22.37
N ASP A 459 0.16 -7.92 -21.98
CA ASP A 459 0.90 -8.72 -22.94
C ASP A 459 0.00 -9.76 -23.59
N ALA A 460 -1.15 -10.01 -22.97
CA ALA A 460 -2.09 -10.98 -23.51
C ALA A 460 -2.61 -10.42 -24.83
N THR A 461 -2.91 -9.14 -24.84
CA THR A 461 -3.41 -8.50 -26.05
C THR A 461 -2.28 -8.06 -26.98
N THR A 480 2.80 -3.55 -26.44
CA THR A 480 3.54 -3.48 -25.18
C THR A 480 4.84 -4.29 -25.26
N PRO A 481 5.97 -3.67 -24.89
CA PRO A 481 7.33 -4.24 -24.89
C PRO A 481 7.72 -5.21 -23.77
N MET A 482 7.02 -6.33 -23.67
CA MET A 482 7.29 -7.31 -22.62
C MET A 482 8.73 -7.85 -22.60
N MET A 483 9.19 -8.40 -23.71
CA MET A 483 10.54 -8.94 -23.76
C MET A 483 11.57 -7.92 -23.31
N LEU A 484 11.38 -6.66 -23.68
CA LEU A 484 12.29 -5.61 -23.28
C LEU A 484 12.41 -5.57 -21.77
N LEU A 485 11.27 -5.56 -21.08
CA LEU A 485 11.23 -5.53 -19.61
C LEU A 485 11.84 -6.79 -18.99
N GLN A 486 11.68 -7.91 -19.66
CA GLN A 486 12.21 -9.19 -19.16
C GLN A 486 13.71 -9.36 -19.35
N ASP A 487 14.26 -8.74 -20.39
CA ASP A 487 15.69 -8.82 -20.65
C ASP A 487 16.43 -8.12 -19.51
N PRO A 488 17.24 -8.86 -18.76
CA PRO A 488 18.04 -8.38 -17.63
C PRO A 488 18.99 -7.25 -17.97
N GLU A 489 19.51 -7.26 -19.19
CA GLU A 489 20.44 -6.23 -19.62
C GLU A 489 19.68 -4.94 -19.88
N ARG A 490 18.87 -4.94 -20.93
CA ARG A 490 18.09 -3.78 -21.33
C ARG A 490 17.33 -3.04 -20.21
N THR A 491 16.70 -3.80 -19.33
CA THR A 491 15.90 -3.23 -18.25
C THR A 491 16.38 -3.64 -16.86
N LYS A 492 16.40 -2.68 -15.93
CA LYS A 492 16.79 -2.95 -14.55
C LYS A 492 15.70 -2.41 -13.62
N VAL A 493 14.94 -3.32 -13.03
CA VAL A 493 13.85 -2.95 -12.15
C VAL A 493 14.37 -2.83 -10.74
N LEU A 494 14.11 -1.69 -10.12
CA LEU A 494 14.52 -1.44 -8.74
C LEU A 494 13.26 -1.35 -7.88
N LEU A 495 13.27 -2.07 -6.77
CA LEU A 495 12.16 -2.05 -5.84
C LEU A 495 12.51 -1.13 -4.70
N VAL A 496 11.67 -0.13 -4.46
CA VAL A 496 11.90 0.79 -3.37
C VAL A 496 11.04 0.39 -2.18
N THR A 497 11.63 0.39 -0.99
CA THR A 497 10.85 0.06 0.19
C THR A 497 11.38 0.79 1.42
N LEU A 498 10.87 0.40 2.58
CA LEU A 498 11.24 1.02 3.84
C LEU A 498 11.76 -0.06 4.78
N PRO A 499 12.63 0.32 5.73
CA PRO A 499 13.17 -0.67 6.67
C PRO A 499 12.15 -1.07 7.72
N GLU A 500 10.95 -1.42 7.26
CA GLU A 500 9.84 -1.80 8.13
C GLU A 500 9.16 -3.12 7.73
N THR A 501 8.52 -3.76 8.69
CA THR A 501 7.89 -5.06 8.48
C THR A 501 6.88 -5.17 7.33
N THR A 502 5.74 -4.48 7.45
CA THR A 502 4.70 -4.52 6.43
C THR A 502 5.24 -4.05 5.09
N PRO A 503 5.94 -2.90 5.08
CA PRO A 503 6.48 -2.42 3.81
C PRO A 503 7.38 -3.44 3.09
N VAL A 504 8.19 -4.17 3.85
CA VAL A 504 9.09 -5.17 3.28
C VAL A 504 8.31 -6.35 2.70
N LEU A 505 7.31 -6.83 3.45
CA LEU A 505 6.47 -7.92 2.99
C LEU A 505 5.73 -7.50 1.71
N GLU A 506 5.20 -6.27 1.70
CA GLU A 506 4.49 -5.78 0.53
C GLU A 506 5.40 -5.67 -0.69
N ALA A 507 6.66 -5.28 -0.46
CA ALA A 507 7.63 -5.18 -1.53
C ALA A 507 7.95 -6.60 -2.06
N ALA A 508 8.06 -7.54 -1.14
CA ALA A 508 8.36 -8.93 -1.51
C ALA A 508 7.23 -9.50 -2.36
N ASN A 509 5.99 -9.18 -2.00
CA ASN A 509 4.86 -9.71 -2.79
C ASN A 509 4.81 -9.09 -4.18
N LEU A 510 5.22 -7.83 -4.29
CA LEU A 510 5.25 -7.14 -5.57
C LEU A 510 6.34 -7.80 -6.42
N GLN A 511 7.43 -8.21 -5.76
CA GLN A 511 8.53 -8.87 -6.46
C GLN A 511 8.11 -10.26 -6.95
N ALA A 512 7.45 -11.04 -6.10
CA ALA A 512 7.00 -12.38 -6.50
C ALA A 512 6.13 -12.27 -7.74
N ASP A 513 5.28 -11.25 -7.77
CA ASP A 513 4.36 -11.02 -8.88
C ASP A 513 5.09 -10.66 -10.18
N LEU A 514 6.11 -9.80 -10.07
CA LEU A 514 6.88 -9.43 -11.23
C LEU A 514 7.58 -10.68 -11.74
N GLU A 515 8.06 -11.50 -10.82
CA GLU A 515 8.72 -12.74 -11.20
C GLU A 515 7.80 -13.64 -12.02
N ARG A 516 6.52 -13.74 -11.65
CA ARG A 516 5.56 -14.54 -12.42
C ARG A 516 5.50 -14.02 -13.86
N ALA A 517 5.78 -12.74 -14.04
CA ALA A 517 5.72 -12.15 -15.37
C ALA A 517 7.08 -12.19 -16.08
N GLY A 518 8.01 -12.98 -15.55
CA GLY A 518 9.34 -13.11 -16.15
C GLY A 518 10.26 -11.91 -15.96
N ILE A 519 9.97 -11.10 -14.95
CA ILE A 519 10.76 -9.90 -14.68
C ILE A 519 11.41 -10.03 -13.31
N HIS A 520 12.74 -10.06 -13.30
CA HIS A 520 13.48 -10.19 -12.06
C HIS A 520 14.05 -8.83 -11.59
N PRO A 521 13.58 -8.33 -10.44
CA PRO A 521 14.08 -7.05 -9.93
C PRO A 521 15.61 -7.08 -9.80
N TRP A 522 16.26 -6.09 -10.39
CA TRP A 522 17.72 -6.02 -10.38
C TRP A 522 18.27 -5.68 -8.99
N GLY A 523 17.53 -4.88 -8.22
CA GLY A 523 17.99 -4.51 -6.89
C GLY A 523 16.90 -3.89 -6.02
N TRP A 524 17.16 -3.81 -4.73
CA TRP A 524 16.22 -3.21 -3.79
C TRP A 524 16.83 -1.99 -3.12
N ILE A 525 16.00 -0.97 -2.93
CA ILE A 525 16.42 0.24 -2.27
C ILE A 525 15.59 0.47 -1.01
N ILE A 526 16.25 0.37 0.13
CA ILE A 526 15.61 0.60 1.42
C ILE A 526 15.75 2.10 1.68
N ASN A 527 14.66 2.84 1.48
CA ASN A 527 14.65 4.28 1.67
C ASN A 527 14.29 4.69 3.10
N ASN A 528 14.56 5.94 3.45
CA ASN A 528 14.29 6.46 4.80
C ASN A 528 14.82 5.60 5.91
N SER A 529 16.13 5.42 5.96
CA SER A 529 16.69 4.61 7.02
C SER A 529 17.29 5.52 8.08
N LEU A 530 17.14 5.11 9.34
CA LEU A 530 17.67 5.87 10.46
C LEU A 530 19.05 5.34 10.83
N SER A 531 19.23 4.03 10.74
CA SER A 531 20.50 3.43 11.10
C SER A 531 21.67 4.03 10.32
N ILE A 532 21.38 4.49 9.10
CA ILE A 532 22.38 5.08 8.22
C ILE A 532 22.47 6.60 8.42
N ALA A 533 21.53 7.15 9.18
CA ALA A 533 21.49 8.58 9.44
C ALA A 533 22.24 8.90 10.74
N ASP A 534 22.69 10.14 10.88
CA ASP A 534 23.41 10.53 12.08
C ASP A 534 22.53 11.31 13.03
N THR A 535 22.31 10.75 14.21
CA THR A 535 21.48 11.37 15.22
C THR A 535 21.91 10.92 16.60
N ARG A 536 21.70 11.77 17.60
CA ARG A 536 22.08 11.48 18.96
C ARG A 536 20.81 11.30 19.80
N SER A 537 19.67 11.54 19.16
CA SER A 537 18.39 11.40 19.81
C SER A 537 18.23 9.95 20.24
N PRO A 538 18.09 9.70 21.54
CA PRO A 538 17.94 8.30 21.96
C PRO A 538 16.75 7.59 21.32
N LEU A 539 15.62 8.26 21.22
CA LEU A 539 14.43 7.65 20.61
C LEU A 539 14.76 7.24 19.18
N LEU A 540 15.34 8.17 18.42
CA LEU A 540 15.70 7.89 17.03
C LEU A 540 16.66 6.72 16.89
N ARG A 541 17.72 6.72 17.70
CA ARG A 541 18.69 5.63 17.64
C ARG A 541 18.02 4.32 17.97
N MET A 542 17.02 4.39 18.85
CA MET A 542 16.26 3.22 19.26
C MET A 542 15.48 2.67 18.07
N ARG A 543 14.89 3.56 17.27
CA ARG A 543 14.15 3.18 16.09
C ARG A 543 15.12 2.59 15.08
N ALA A 544 16.26 3.26 14.91
CA ALA A 544 17.28 2.81 13.97
C ALA A 544 17.60 1.35 14.26
N GLN A 545 17.65 0.99 15.53
CA GLN A 545 17.94 -0.37 15.96
C GLN A 545 16.81 -1.32 15.58
N GLN A 546 15.57 -0.83 15.63
CA GLN A 546 14.41 -1.64 15.27
C GLN A 546 14.44 -2.03 13.78
N GLU A 547 15.17 -1.26 12.97
CA GLU A 547 15.31 -1.50 11.52
C GLU A 547 16.18 -2.70 11.13
N LEU A 548 17.18 -2.98 11.94
CA LEU A 548 18.13 -4.06 11.68
C LEU A 548 17.51 -5.35 11.17
N PRO A 549 16.55 -5.91 11.91
CA PRO A 549 15.97 -7.16 11.41
C PRO A 549 15.40 -7.04 9.97
N GLN A 550 14.66 -5.97 9.70
CA GLN A 550 14.08 -5.78 8.37
C GLN A 550 15.14 -5.62 7.29
N ILE A 551 16.14 -4.81 7.55
CA ILE A 551 17.21 -4.60 6.57
C ILE A 551 17.91 -5.94 6.33
N GLU A 552 17.97 -6.78 7.37
CA GLU A 552 18.61 -8.07 7.23
C GLU A 552 17.82 -9.04 6.36
N SER A 553 16.49 -9.03 6.50
CA SER A 553 15.68 -9.94 5.70
C SER A 553 15.73 -9.54 4.23
N VAL A 554 16.00 -8.26 3.96
CA VAL A 554 16.07 -7.81 2.57
C VAL A 554 17.39 -8.24 1.97
N LYS A 555 18.44 -8.15 2.78
CA LYS A 555 19.78 -8.51 2.33
C LYS A 555 19.93 -10.01 2.11
N ARG A 556 19.41 -10.82 3.03
CA ARG A 556 19.56 -12.26 2.92
C ARG A 556 18.32 -13.07 2.59
N GLN A 557 17.47 -12.57 1.70
CA GLN A 557 16.24 -13.30 1.38
C GLN A 557 15.42 -12.73 0.23
N HIS A 558 15.49 -11.41 0.05
CA HIS A 558 14.71 -10.76 -0.98
C HIS A 558 15.50 -10.14 -2.11
N ALA A 559 16.70 -9.65 -1.81
CA ALA A 559 17.49 -9.01 -2.85
C ALA A 559 18.96 -9.40 -2.84
N SER A 560 19.56 -9.30 -4.03
CA SER A 560 20.99 -9.58 -4.16
C SER A 560 21.68 -8.23 -3.95
N ARG A 561 21.25 -7.23 -4.71
CA ARG A 561 21.79 -5.87 -4.62
C ARG A 561 20.84 -4.99 -3.82
N VAL A 562 21.35 -4.39 -2.74
CA VAL A 562 20.56 -3.53 -1.85
C VAL A 562 21.26 -2.22 -1.54
N ALA A 563 20.47 -1.16 -1.44
CA ALA A 563 21.01 0.16 -1.11
C ALA A 563 20.27 0.71 0.10
N LEU A 564 20.97 1.50 0.90
CA LEU A 564 20.41 2.14 2.09
C LEU A 564 20.43 3.65 1.96
N VAL A 565 19.27 4.26 2.12
CA VAL A 565 19.17 5.71 2.03
C VAL A 565 18.66 6.23 3.37
N PRO A 566 19.34 7.24 3.89
CA PRO A 566 18.97 7.83 5.17
C PRO A 566 17.74 8.73 5.12
N VAL A 567 17.11 8.88 6.28
CA VAL A 567 15.98 9.80 6.43
C VAL A 567 16.71 11.15 6.32
N LEU A 568 16.28 12.06 5.45
CA LEU A 568 16.96 13.35 5.35
C LEU A 568 16.29 14.48 6.10
N ALA A 569 15.15 14.20 6.73
CA ALA A 569 14.39 15.22 7.44
C ALA A 569 13.89 16.16 6.35
N SER A 570 12.89 16.98 6.64
CA SER A 570 12.35 17.88 5.62
C SER A 570 12.04 17.09 4.35
N GLU A 571 12.22 17.70 3.19
CA GLU A 571 11.95 17.02 1.93
C GLU A 571 13.05 17.25 0.90
N PRO A 572 13.50 16.19 0.24
CA PRO A 572 14.55 16.36 -0.76
C PRO A 572 13.99 16.94 -2.05
N THR A 573 13.71 18.24 -2.02
CA THR A 573 13.14 18.93 -3.18
C THR A 573 14.17 19.56 -4.13
N GLY A 574 15.31 19.98 -3.59
CA GLY A 574 16.31 20.58 -4.44
C GLY A 574 17.43 19.63 -4.83
N ILE A 575 18.01 19.84 -6.01
CA ILE A 575 19.09 19.00 -6.49
C ILE A 575 20.13 18.74 -5.40
N ASP A 576 20.34 19.72 -4.53
CA ASP A 576 21.30 19.56 -3.45
C ASP A 576 20.94 18.38 -2.60
N LYS A 577 19.76 18.46 -1.98
CA LYS A 577 19.25 17.41 -1.12
C LYS A 577 19.26 16.06 -1.87
N LEU A 578 18.78 16.11 -3.10
CA LEU A 578 18.72 14.94 -3.96
C LEU A 578 20.10 14.31 -4.08
N LYS A 579 21.12 15.15 -4.19
CA LYS A 579 22.50 14.69 -4.30
C LYS A 579 23.01 14.12 -2.99
N GLN A 580 22.43 14.59 -1.89
CA GLN A 580 22.80 14.16 -0.55
C GLN A 580 22.34 12.75 -0.21
N LEU A 581 21.26 12.31 -0.84
CA LEU A 581 20.69 10.99 -0.61
C LEU A 581 21.61 9.88 -1.09
N ALA A 582 22.30 10.14 -2.19
CA ALA A 582 23.17 9.17 -2.81
C ALA A 582 24.39 8.75 -2.01
N GLY A 583 25.04 9.70 -1.34
CA GLY A 583 26.25 9.39 -0.60
C GLY A 583 27.40 9.45 -1.59
N HIS A 584 28.63 9.16 -1.18
CA HIS A 584 29.76 9.24 -2.10
C HIS A 584 30.18 7.98 -2.83
N HIS A 585 31.05 8.18 -3.82
CA HIS A 585 31.59 7.12 -4.67
C HIS A 585 32.50 6.16 -3.89
N HIS A 586 32.76 5.00 -4.50
CA HIS A 586 33.59 3.95 -3.90
C HIS A 586 33.18 3.70 -2.46
MG MG B . -1.67 -4.83 9.46
MG MG C . 5.86 9.20 -7.27
CD CD D . 36.16 4.93 -8.06
CD CD E . 30.83 -1.28 -7.30
CD CD F . 34.38 6.33 1.66
CD CD G . -6.71 -0.83 -27.72
CD CD H . -3.77 16.63 -13.64
CL CL I . -5.57 -5.91 -10.44
CL CL J . -7.78 -8.78 -10.65
CL CL K . -12.09 -4.86 -8.44
CD CD L . -7.08 -3.85 -11.04
CD CD M . -6.79 -7.32 -12.39
CD CD N . -11.05 -2.97 -9.53
PB ADP O . -0.12 -1.94 9.49
O1B ADP O . 0.81 -2.52 8.49
O2B ADP O . -0.76 -0.56 9.09
O3B ADP O . -1.19 -2.91 10.04
PA ADP O . 1.38 -2.39 11.86
O1A ADP O . 1.68 -3.84 11.51
O2A ADP O . 0.74 -1.76 12.99
O3A ADP O . 0.71 -1.45 10.72
O5' ADP O . 2.86 -1.81 11.73
C5' ADP O . 4.05 -1.03 11.68
C4' ADP O . 5.11 -1.78 12.45
O4' ADP O . 5.34 -0.57 13.26
C3' ADP O . 5.21 -2.79 13.57
O3' ADP O . 6.52 -3.38 13.45
C2' ADP O . 4.98 -1.88 14.87
O2' ADP O . 5.10 -2.56 16.15
C1' ADP O . 5.44 -0.41 14.69
N9 ADP O . 4.55 0.78 15.03
C8 ADP O . 3.27 1.04 14.79
N7 ADP O . 2.88 2.13 15.34
C5 ADP O . 3.96 2.64 16.06
C6 ADP O . 4.36 3.77 16.91
N6 ADP O . 3.55 4.82 17.28
N1 ADP O . 5.62 3.86 17.41
C2 ADP O . 6.55 2.93 17.16
N3 ADP O . 6.23 1.87 16.40
C4 ADP O . 4.99 1.76 15.88
PB ADP P . 6.49 7.72 -4.40
O1B ADP P . 5.09 8.01 -4.01
O2B ADP P . 7.00 6.30 -4.09
O3B ADP P . 6.87 8.18 -5.82
PA ADP P . 7.85 10.09 -3.27
O1A ADP P . 7.03 11.09 -4.02
O2A ADP P . 9.30 9.96 -3.30
O3A ADP P . 7.47 8.51 -3.47
O5' ADP P . 7.55 10.35 -1.74
C5' ADP P . 7.46 10.34 -0.32
C4' ADP P . 7.43 11.79 0.04
O4' ADP P . 8.60 11.62 0.92
C3' ADP P . 7.79 13.16 -0.46
O3' ADP P . 7.23 14.10 0.49
C2' ADP P . 9.36 13.12 -0.26
O2' ADP P . 10.12 14.26 -0.74
C1' ADP P . 9.78 12.42 1.05
N9 ADP P . 10.96 11.46 1.10
C8 ADP P . 11.26 10.40 0.36
N7 ADP P . 12.39 9.89 0.64
C5 ADP P . 12.91 10.70 1.63
C6 ADP P . 14.11 10.81 2.45
N6 ADP P . 15.14 9.92 2.35
N1 ADP P . 14.23 11.83 3.36
C2 ADP P . 13.29 12.76 3.55
N3 ADP P . 12.17 12.71 2.80
C4 ADP P . 12.03 11.70 1.90
AL AF3 Q . 3.40 7.61 -5.52
F1 AF3 Q . 3.37 5.88 -5.79
F2 AF3 Q . 4.17 8.74 -6.51
F3 AF3 Q . 2.52 8.03 -4.23
AS TAS R . 7.32 2.55 12.70
O1 TAS R . 5.66 2.04 12.51
O2 TAS R . 8.30 1.70 11.51
O3 TAS R . 7.43 4.29 12.41
#